data_3UD7
#
_entry.id   3UD7
#
_cell.length_a   115.149
_cell.length_b   47.077
_cell.length_c   98.874
_cell.angle_alpha   90.00
_cell.angle_beta   125.32
_cell.angle_gamma   90.00
#
_symmetry.space_group_name_H-M   'C 1 2 1'
#
loop_
_entity.id
_entity.type
_entity.pdbx_description
1 polymer 'Heparin-binding growth factor 1'
2 branched '2-deoxy-2-(sulfoamino)-alpha-D-glucopyranose-(1-4)-1-O-methyl-2-O-sulfo-alpha-L-idopyranuronic acid'
3 non-polymer 'PHOSPHATE ION'
4 water water
#
_entity_poly.entity_id   1
_entity_poly.type   'polypeptide(L)'
_entity_poly.pdbx_seq_one_letter_code
;MFNLPPGNYKKPKLLYCSNGGHFLRILPDGTVDGTRDRSDQHIQLQLSAESVGEVYIKSTETGQYLAMDTDGLLYGSQTP
NEECLFLERLEENHYNTYISKKHAEKNWFVGLKKNGSCKRGPRTHYGQKAILFLPLPVSSD
;
_entity_poly.pdbx_strand_id   A,B,C
#
loop_
_chem_comp.id
_chem_comp.type
_chem_comp.name
_chem_comp.formula
GNS D-saccharide, alpha linking 2-deoxy-2-(sulfoamino)-alpha-D-glucopyranose 'C6 H13 N O8 S'
IDY L-saccharide, alpha linking '1-O-methyl-2-O-sulfo-alpha-L-idopyranuronic acid' 'C7 H12 O10 S'
PO4 non-polymer 'PHOSPHATE ION' 'O4 P -3'
#
# COMPACT_ATOMS: atom_id res chain seq x y z
N PRO A 12 1.33 36.19 -13.63
CA PRO A 12 2.37 35.23 -13.99
C PRO A 12 2.62 34.28 -12.81
N LYS A 13 1.68 33.34 -12.61
CA LYS A 13 1.62 32.53 -11.40
C LYS A 13 1.66 31.02 -11.63
N LEU A 14 2.18 30.31 -10.64
CA LEU A 14 2.14 28.87 -10.57
C LEU A 14 1.09 28.44 -9.55
N LEU A 15 0.25 27.46 -9.87
CA LEU A 15 -0.67 26.94 -8.87
C LEU A 15 -0.22 25.58 -8.36
N TYR A 16 0.32 25.58 -7.14
CA TYR A 16 0.72 24.39 -6.38
C TYR A 16 -0.42 23.70 -5.64
N CYS A 17 -0.60 22.41 -5.92
CA CYS A 17 -1.59 21.61 -5.25
C CYS A 17 -1.01 20.93 -4.03
N SER A 18 -1.61 21.20 -2.87
CA SER A 18 -1.17 20.64 -1.62
C SER A 18 -1.21 19.12 -1.57
N ASN A 19 -2.03 18.51 -2.42
CA ASN A 19 -2.36 17.10 -2.31
C ASN A 19 -1.13 16.18 -2.51
N GLY A 20 -0.50 16.25 -3.68
CA GLY A 20 0.59 15.36 -3.98
C GLY A 20 1.77 16.20 -4.37
N GLY A 21 1.63 17.51 -4.22
CA GLY A 21 2.68 18.47 -4.55
C GLY A 21 2.98 18.75 -6.01
N HIS A 22 1.94 18.79 -6.84
CA HIS A 22 2.08 19.09 -8.28
C HIS A 22 1.73 20.55 -8.57
N PHE A 23 2.39 21.17 -9.56
CA PHE A 23 1.87 22.40 -10.17
C PHE A 23 0.87 22.09 -11.30
N LEU A 24 -0.28 22.78 -11.27
CA LEU A 24 -1.38 22.63 -12.19
C LEU A 24 -0.85 22.97 -13.56
N ARG A 25 -1.30 22.24 -14.59
CA ARG A 25 -0.64 22.21 -15.88
C ARG A 25 -1.62 21.97 -16.97
N ILE A 26 -1.61 22.86 -17.97
CA ILE A 26 -2.52 22.72 -19.10
C ILE A 26 -1.69 22.39 -20.32
N LEU A 27 -1.71 21.11 -20.67
CA LEU A 27 -0.97 20.64 -21.82
C LEU A 27 -1.66 21.13 -23.08
N PRO A 28 -0.87 21.39 -24.13
CA PRO A 28 -1.41 22.04 -25.30
C PRO A 28 -2.62 21.34 -25.92
N ASP A 29 -2.73 20.01 -25.78
CA ASP A 29 -3.84 19.21 -26.35
C ASP A 29 -5.13 19.20 -25.53
N GLY A 30 -5.21 20.15 -24.59
CA GLY A 30 -6.34 20.21 -23.65
C GLY A 30 -6.32 19.37 -22.38
N THR A 31 -5.31 18.52 -22.18
CA THR A 31 -5.34 17.66 -20.98
C THR A 31 -4.72 18.28 -19.74
N VAL A 32 -5.57 18.60 -18.77
CA VAL A 32 -5.13 19.21 -17.51
C VAL A 32 -4.59 18.10 -16.64
N ASP A 33 -3.53 18.35 -15.89
CA ASP A 33 -2.97 17.33 -15.01
C ASP A 33 -1.98 18.07 -14.13
N GLY A 34 -1.12 17.34 -13.43
CA GLY A 34 -0.11 17.97 -12.62
C GLY A 34 1.30 17.50 -12.90
N THR A 35 2.26 18.42 -12.81
CA THR A 35 3.69 18.08 -12.79
C THR A 35 4.41 18.67 -11.58
N ARG A 36 5.55 18.07 -11.24
CA ARG A 36 6.42 18.60 -10.20
C ARG A 36 7.65 19.28 -10.76
N ASP A 37 7.79 19.24 -12.08
CA ASP A 37 8.89 19.89 -12.80
C ASP A 37 8.65 21.38 -12.99
N ARG A 38 9.45 22.17 -12.29
CA ARG A 38 9.39 23.63 -12.28
C ARG A 38 9.69 24.28 -13.62
N SER A 39 10.52 23.64 -14.43
CA SER A 39 10.84 24.21 -15.72
C SER A 39 9.79 23.91 -16.79
N ASP A 40 8.84 23.06 -16.49
CA ASP A 40 7.77 22.80 -17.45
C ASP A 40 7.16 24.09 -17.99
N GLN A 41 7.04 24.19 -19.32
CA GLN A 41 6.47 25.37 -19.93
C GLN A 41 5.01 25.63 -19.54
N HIS A 42 4.25 24.56 -19.36
CA HIS A 42 2.79 24.66 -19.29
C HIS A 42 2.20 24.86 -17.90
N ILE A 43 3.03 25.33 -16.98
CA ILE A 43 2.52 25.63 -15.67
C ILE A 43 2.48 27.12 -15.33
N GLN A 44 3.20 27.95 -16.08
CA GLN A 44 3.12 29.38 -15.92
C GLN A 44 1.70 29.81 -16.28
N LEU A 45 0.90 30.11 -15.26
CA LEU A 45 -0.46 30.54 -15.50
C LEU A 45 -0.68 32.03 -15.20
N GLN A 46 -1.70 32.60 -15.84
CA GLN A 46 -2.14 33.97 -15.61
C GLN A 46 -3.58 33.94 -15.04
N LEU A 47 -3.75 34.42 -13.80
CA LEU A 47 -5.09 34.51 -13.21
C LEU A 47 -5.66 35.91 -13.39
N SER A 48 -6.75 36.05 -14.13
CA SER A 48 -7.27 37.36 -14.43
C SER A 48 -8.72 37.49 -13.96
N ALA A 49 -8.95 38.48 -13.09
CA ALA A 49 -10.24 38.61 -12.41
C ALA A 49 -11.25 39.27 -13.34
N GLU A 50 -12.41 38.65 -13.50
CA GLU A 50 -13.52 39.33 -14.19
C GLU A 50 -14.19 40.21 -13.14
N SER A 51 -15.11 39.63 -12.39
CA SER A 51 -15.61 40.28 -11.19
C SER A 51 -14.68 39.94 -10.02
N VAL A 52 -15.05 40.41 -8.83
CA VAL A 52 -14.26 40.15 -7.64
C VAL A 52 -14.47 38.69 -7.26
N GLY A 53 -13.37 37.99 -6.96
CA GLY A 53 -13.42 36.56 -6.64
C GLY A 53 -13.96 35.69 -7.75
N GLU A 54 -13.76 36.14 -8.99
CA GLU A 54 -14.25 35.47 -10.19
C GLU A 54 -13.13 35.57 -11.22
N VAL A 55 -12.38 34.50 -11.39
CA VAL A 55 -11.21 34.57 -12.26
C VAL A 55 -11.29 33.65 -13.51
N TYR A 56 -10.55 34.00 -14.54
CA TYR A 56 -10.18 33.05 -15.58
C TYR A 56 -8.80 32.56 -15.16
N ILE A 57 -8.41 31.38 -15.64
CA ILE A 57 -7.09 30.87 -15.32
C ILE A 57 -6.47 30.49 -16.65
N LYS A 58 -5.46 31.24 -17.09
CA LYS A 58 -4.93 31.04 -18.43
C LYS A 58 -3.45 30.67 -18.49
N SER A 59 -3.09 29.83 -19.47
CA SER A 59 -1.69 29.49 -19.70
C SER A 59 -0.94 30.63 -20.40
N THR A 60 0.18 31.04 -19.84
CA THR A 60 0.98 32.12 -20.42
C THR A 60 1.78 31.58 -21.61
N GLU A 61 1.65 30.28 -21.86
CA GLU A 61 2.44 29.61 -22.86
C GLU A 61 1.58 29.14 -24.04
N THR A 62 0.31 28.85 -23.82
CA THR A 62 -0.50 28.47 -24.95
C THR A 62 -1.72 29.33 -25.07
N GLY A 63 -2.05 30.08 -24.03
CA GLY A 63 -3.17 30.97 -24.18
C GLY A 63 -4.45 30.23 -23.98
N GLN A 64 -4.39 28.91 -23.85
CA GLN A 64 -5.55 28.11 -23.44
C GLN A 64 -6.12 28.55 -22.11
N TYR A 65 -7.42 28.35 -21.96
CA TYR A 65 -8.09 28.66 -20.72
C TYR A 65 -8.49 27.38 -19.99
N LEU A 66 -8.36 27.40 -18.67
CA LEU A 66 -8.75 26.25 -17.88
C LEU A 66 -10.28 26.26 -17.78
N ALA A 67 -10.88 25.09 -18.00
CA ALA A 67 -12.33 24.92 -18.01
C ALA A 67 -12.76 23.53 -17.55
N MET A 68 -13.91 23.45 -16.89
CA MET A 68 -14.51 22.18 -16.47
C MET A 68 -15.76 21.92 -17.27
N ASP A 69 -15.79 20.80 -17.98
CA ASP A 69 -16.99 20.43 -18.75
C ASP A 69 -18.18 19.88 -17.91
N THR A 70 -19.18 19.32 -18.60
CA THR A 70 -20.42 18.86 -17.95
C THR A 70 -20.17 17.72 -17.00
N ASP A 71 -19.28 16.81 -17.38
CA ASP A 71 -18.96 15.67 -16.53
C ASP A 71 -18.09 16.04 -15.33
N GLY A 72 -17.48 17.22 -15.37
CA GLY A 72 -16.60 17.64 -14.31
C GLY A 72 -15.15 17.45 -14.70
N LEU A 73 -14.92 17.06 -15.95
CA LEU A 73 -13.55 16.89 -16.43
C LEU A 73 -12.95 18.26 -16.76
N LEU A 74 -11.75 18.50 -16.27
CA LEU A 74 -11.09 19.76 -16.55
C LEU A 74 -10.38 19.57 -17.87
N TYR A 75 -10.47 20.57 -18.73
CA TYR A 75 -9.72 20.58 -19.97
C TYR A 75 -9.21 21.97 -20.24
N GLY A 76 -8.39 22.09 -21.29
CA GLY A 76 -7.94 23.41 -21.78
C GLY A 76 -8.83 23.95 -22.89
N SER A 77 -9.42 25.11 -22.67
CA SER A 77 -10.27 25.73 -23.69
C SER A 77 -9.51 26.77 -24.53
N GLN A 78 -9.48 26.57 -25.86
CA GLN A 78 -8.68 27.39 -26.82
C GLN A 78 -9.22 28.80 -26.98
N THR A 79 -10.47 28.97 -26.60
CA THR A 79 -11.13 30.26 -26.65
C THR A 79 -11.77 30.41 -25.29
N PRO A 80 -12.08 31.64 -24.84
CA PRO A 80 -12.79 31.74 -23.53
C PRO A 80 -14.28 31.35 -23.59
N ASN A 81 -14.96 31.32 -22.44
CA ASN A 81 -16.43 31.09 -22.32
C ASN A 81 -16.95 30.85 -20.89
N GLU A 82 -18.25 30.53 -20.79
CA GLU A 82 -18.94 30.29 -19.51
C GLU A 82 -18.24 29.26 -18.61
N GLU A 83 -17.75 28.19 -19.23
CA GLU A 83 -17.07 27.08 -18.54
C GLU A 83 -15.71 27.46 -17.93
N CYS A 84 -15.07 28.46 -18.52
CA CYS A 84 -13.76 28.94 -18.07
C CYS A 84 -13.73 29.87 -16.85
N LEU A 85 -14.87 30.14 -16.22
CA LEU A 85 -14.89 31.03 -15.07
C LEU A 85 -14.97 30.23 -13.79
N PHE A 86 -14.19 30.65 -12.81
CA PHE A 86 -13.98 29.94 -11.56
C PHE A 86 -14.06 30.89 -10.39
N LEU A 87 -14.68 30.44 -9.31
CA LEU A 87 -14.82 31.28 -8.12
C LEU A 87 -13.67 31.08 -7.14
N GLU A 88 -12.87 32.12 -6.99
CA GLU A 88 -11.75 32.08 -6.06
C GLU A 88 -12.25 32.33 -4.64
N ARG A 89 -11.74 31.53 -3.72
CA ARG A 89 -11.93 31.71 -2.30
C ARG A 89 -10.59 31.53 -1.62
N LEU A 90 -10.18 32.52 -0.83
CA LEU A 90 -8.98 32.36 0.00
C LEU A 90 -9.40 31.55 1.21
N GLU A 91 -8.65 30.48 1.52
CA GLU A 91 -8.94 29.59 2.65
C GLU A 91 -8.20 29.96 3.94
N GLU A 92 -8.50 29.29 5.06
CA GLU A 92 -7.95 29.64 6.41
C GLU A 92 -6.40 29.71 6.53
N ASN A 93 -5.70 28.78 5.85
CA ASN A 93 -4.27 28.89 5.54
C ASN A 93 -4.10 29.84 4.35
N HIS A 94 -2.94 29.84 3.69
CA HIS A 94 -2.75 30.78 2.56
C HIS A 94 -3.21 30.24 1.18
N TYR A 95 -3.95 29.13 1.21
CA TYR A 95 -4.29 28.39 -0.02
C TYR A 95 -5.59 28.88 -0.63
N ASN A 96 -5.89 28.38 -1.82
CA ASN A 96 -7.04 28.83 -2.57
C ASN A 96 -7.88 27.66 -3.04
N THR A 97 -9.20 27.81 -3.04
CA THR A 97 -10.06 26.86 -3.77
C THR A 97 -10.68 27.53 -5.02
N TYR A 98 -11.15 26.69 -5.95
CA TYR A 98 -11.68 27.17 -7.22
C TYR A 98 -12.85 26.33 -7.66
N ILE A 99 -14.03 26.96 -7.72
CA ILE A 99 -15.29 26.35 -8.19
C ILE A 99 -15.65 26.75 -9.62
N SER A 100 -15.97 25.73 -10.43
CA SER A 100 -16.63 25.93 -11.70
C SER A 100 -17.88 26.75 -11.49
N LYS A 101 -17.83 28.04 -11.80
CA LYS A 101 -19.02 28.92 -11.79
C LYS A 101 -20.22 28.33 -12.53
N LYS A 102 -20.00 27.81 -13.74
CA LYS A 102 -21.05 27.19 -14.53
C LYS A 102 -21.68 26.01 -13.80
N HIS A 103 -20.91 25.40 -12.90
CA HIS A 103 -21.42 24.27 -12.12
C HIS A 103 -21.32 24.56 -10.62
N ALA A 104 -21.60 25.80 -10.24
CA ALA A 104 -21.43 26.25 -8.86
C ALA A 104 -22.32 25.48 -7.92
N GLU A 105 -23.59 25.39 -8.28
CA GLU A 105 -24.54 24.58 -7.54
C GLU A 105 -23.98 23.18 -7.25
N LYS A 106 -23.51 22.48 -8.29
CA LYS A 106 -22.98 21.10 -8.15
C LYS A 106 -21.72 21.01 -7.29
N ASN A 107 -21.34 22.14 -6.69
CA ASN A 107 -20.14 22.26 -5.86
C ASN A 107 -18.85 21.56 -6.34
N TRP A 108 -18.56 21.72 -7.61
CA TRP A 108 -17.42 21.12 -8.27
C TRP A 108 -16.12 21.95 -8.25
N PHE A 109 -15.10 21.47 -7.53
CA PHE A 109 -13.82 22.17 -7.46
C PHE A 109 -12.80 21.69 -8.49
N VAL A 110 -11.85 22.57 -8.82
CA VAL A 110 -10.62 22.13 -9.47
C VAL A 110 -9.84 21.35 -8.42
N GLY A 111 -9.27 20.22 -8.83
CA GLY A 111 -8.48 19.42 -7.91
C GLY A 111 -7.65 18.38 -8.64
N LEU A 112 -6.59 17.92 -7.99
CA LEU A 112 -5.77 16.90 -8.59
C LEU A 112 -5.62 15.79 -7.59
N LYS A 113 -5.58 14.55 -8.10
CA LYS A 113 -5.23 13.38 -7.29
C LYS A 113 -3.74 13.37 -6.89
N LYS A 114 -3.35 12.34 -6.18
CA LYS A 114 -2.06 12.33 -5.56
C LYS A 114 -0.99 11.95 -6.56
N ASN A 115 -1.39 11.34 -7.65
CA ASN A 115 -0.45 11.02 -8.73
C ASN A 115 -0.43 12.11 -9.81
N GLY A 116 -0.98 13.27 -9.49
CA GLY A 116 -0.99 14.40 -10.38
C GLY A 116 -1.99 14.33 -11.52
N SER A 117 -3.05 13.56 -11.38
CA SER A 117 -4.05 13.50 -12.44
C SER A 117 -5.24 14.26 -12.00
N CYS A 118 -6.04 14.68 -12.98
CA CYS A 118 -7.29 15.39 -12.77
C CYS A 118 -8.20 14.58 -11.85
N LYS A 119 -8.70 15.22 -10.81
CA LYS A 119 -9.75 14.63 -10.00
C LYS A 119 -11.07 15.29 -10.41
N ARG A 120 -11.86 14.61 -11.23
CA ARG A 120 -13.13 15.17 -11.76
C ARG A 120 -14.10 15.79 -10.73
N GLY A 121 -14.79 16.84 -11.15
CA GLY A 121 -15.69 17.59 -10.27
C GLY A 121 -16.54 16.75 -9.33
N PRO A 122 -17.39 15.84 -9.87
CA PRO A 122 -18.16 14.86 -9.13
C PRO A 122 -17.40 14.33 -7.93
N ARG A 123 -16.24 13.75 -8.16
CA ARG A 123 -15.44 13.20 -7.09
C ARG A 123 -14.68 14.23 -6.20
N THR A 124 -14.79 15.54 -6.46
CA THR A 124 -14.18 16.52 -5.52
C THR A 124 -15.17 16.87 -4.44
N HIS A 125 -14.64 17.42 -3.34
CA HIS A 125 -15.45 18.03 -2.29
C HIS A 125 -14.59 18.73 -1.23
N TYR A 126 -15.23 19.59 -0.46
CA TYR A 126 -14.57 20.34 0.60
C TYR A 126 -13.79 19.45 1.59
N GLY A 127 -12.60 19.88 2.00
CA GLY A 127 -11.87 19.23 3.09
C GLY A 127 -10.86 18.23 2.56
N GLN A 128 -10.87 18.08 1.24
CA GLN A 128 -9.80 17.38 0.51
C GLN A 128 -8.56 18.29 0.40
N LYS A 129 -7.40 17.68 0.21
CA LYS A 129 -6.22 18.45 -0.05
C LYS A 129 -6.06 18.63 -1.55
N ALA A 130 -6.87 17.87 -2.30
CA ALA A 130 -6.94 17.98 -3.78
C ALA A 130 -7.40 19.35 -4.27
N ILE A 131 -8.17 20.08 -3.47
CA ILE A 131 -8.77 21.29 -3.98
C ILE A 131 -8.07 22.57 -3.52
N LEU A 132 -7.08 22.42 -2.65
CA LEU A 132 -6.26 23.55 -2.21
C LEU A 132 -5.08 23.85 -3.17
N PHE A 133 -4.90 25.10 -3.55
CA PHE A 133 -3.81 25.51 -4.45
C PHE A 133 -3.14 26.76 -3.89
N LEU A 134 -1.82 26.83 -3.99
CA LEU A 134 -1.12 27.95 -3.48
C LEU A 134 -0.59 28.75 -4.66
N PRO A 135 -1.09 29.98 -4.85
CA PRO A 135 -0.56 30.72 -6.00
C PRO A 135 0.88 31.10 -5.76
N LEU A 136 1.74 30.92 -6.75
CA LEU A 136 3.14 31.26 -6.59
C LEU A 136 3.50 32.22 -7.71
N PRO A 137 3.91 33.46 -7.36
CA PRO A 137 4.43 34.43 -8.33
C PRO A 137 5.70 33.85 -8.99
N VAL A 138 5.76 33.78 -10.31
CA VAL A 138 6.87 33.09 -10.95
C VAL A 138 8.10 33.96 -10.92
N PRO B 12 19.15 -1.81 0.07
CA PRO B 12 19.04 -1.34 -1.33
C PRO B 12 18.73 -2.51 -2.27
N LYS B 13 17.51 -2.52 -2.82
CA LYS B 13 16.99 -3.70 -3.52
C LYS B 13 16.19 -3.30 -4.73
N LEU B 14 15.85 -4.28 -5.54
CA LEU B 14 14.95 -4.07 -6.63
C LEU B 14 13.77 -4.96 -6.32
N LEU B 15 12.58 -4.50 -6.68
CA LEU B 15 11.39 -5.30 -6.50
C LEU B 15 10.88 -5.79 -7.85
N TYR B 16 11.10 -7.09 -8.10
CA TYR B 16 10.71 -7.70 -9.34
C TYR B 16 9.29 -8.26 -9.30
N CYS B 17 8.53 -7.94 -10.32
CA CYS B 17 7.18 -8.40 -10.37
C CYS B 17 7.14 -9.56 -11.33
N SER B 18 6.59 -10.69 -10.88
CA SER B 18 6.46 -11.85 -11.73
C SER B 18 5.54 -11.59 -12.90
N ASN B 19 4.65 -10.60 -12.77
CA ASN B 19 3.55 -10.48 -13.70
C ASN B 19 4.02 -10.28 -15.16
N GLY B 20 4.58 -9.11 -15.47
CA GLY B 20 5.12 -8.86 -16.81
C GLY B 20 6.63 -8.86 -16.81
N GLY B 21 7.22 -9.32 -15.73
CA GLY B 21 8.66 -9.26 -15.56
C GLY B 21 9.23 -7.87 -15.34
N HIS B 22 8.43 -6.97 -14.77
CA HIS B 22 8.81 -5.55 -14.57
C HIS B 22 9.44 -5.32 -13.24
N PHE B 23 10.26 -4.28 -13.15
CA PHE B 23 10.75 -3.86 -11.86
C PHE B 23 9.96 -2.66 -11.42
N LEU B 24 9.71 -2.57 -10.11
CA LEU B 24 8.95 -1.45 -9.56
C LEU B 24 9.71 -0.15 -9.69
N ARG B 25 8.98 0.90 -10.04
CA ARG B 25 9.59 2.19 -10.39
C ARG B 25 8.74 3.38 -9.93
N ILE B 26 9.45 4.35 -9.36
CA ILE B 26 8.88 5.61 -8.85
C ILE B 26 9.56 6.78 -9.53
N LEU B 27 8.90 7.33 -10.56
CA LEU B 27 9.39 8.49 -11.31
C LEU B 27 9.26 9.77 -10.47
N PRO B 28 10.00 10.83 -10.86
CA PRO B 28 9.88 12.18 -10.31
C PRO B 28 8.46 12.71 -10.21
N ASP B 29 7.68 12.54 -11.27
CA ASP B 29 6.33 13.14 -11.33
C ASP B 29 5.31 12.41 -10.43
N GLY B 30 5.80 11.47 -9.61
CA GLY B 30 4.94 10.79 -8.66
C GLY B 30 4.26 9.51 -9.14
N THR B 31 4.32 9.22 -10.44
CA THR B 31 3.69 8.01 -10.97
C THR B 31 4.59 6.84 -10.69
N VAL B 32 3.95 5.75 -10.27
CA VAL B 32 4.60 4.52 -9.92
C VAL B 32 4.22 3.56 -11.02
N ASP B 33 5.21 2.99 -11.69
CA ASP B 33 4.94 1.92 -12.66
C ASP B 33 6.06 0.89 -12.66
N GLY B 34 6.14 0.10 -13.71
CA GLY B 34 7.16 -0.93 -13.81
C GLY B 34 7.97 -0.88 -15.08
N THR B 35 9.14 -1.51 -15.05
CA THR B 35 10.06 -1.47 -16.18
C THR B 35 10.94 -2.73 -16.28
N ARG B 36 11.23 -3.16 -17.50
CA ARG B 36 12.12 -4.30 -17.71
C ARG B 36 13.61 -3.96 -17.75
N ASP B 37 13.96 -2.70 -17.47
CA ASP B 37 15.31 -2.19 -17.70
C ASP B 37 16.17 -2.15 -16.45
N ARG B 38 16.93 -3.21 -16.24
CA ARG B 38 17.85 -3.30 -15.11
C ARG B 38 18.64 -2.03 -14.87
N SER B 39 18.85 -1.26 -15.92
CA SER B 39 19.74 -0.13 -15.83
C SER B 39 18.98 1.19 -15.69
N ASP B 40 17.65 1.14 -15.64
CA ASP B 40 16.88 2.31 -15.22
C ASP B 40 17.32 2.81 -13.83
N GLN B 41 17.41 4.12 -13.68
CA GLN B 41 17.92 4.72 -12.43
C GLN B 41 16.88 4.95 -11.34
N HIS B 42 15.61 4.72 -11.64
CA HIS B 42 14.54 5.05 -10.69
C HIS B 42 13.93 3.80 -10.01
N ILE B 43 14.60 2.65 -10.21
CA ILE B 43 14.21 1.35 -9.67
C ILE B 43 15.01 0.90 -8.45
N GLN B 44 16.11 1.57 -8.14
CA GLN B 44 16.84 1.28 -6.89
C GLN B 44 15.99 1.72 -5.68
N LEU B 45 15.45 0.74 -4.96
CA LEU B 45 14.56 1.01 -3.85
C LEU B 45 15.17 0.65 -2.52
N GLN B 46 14.81 1.39 -1.49
CA GLN B 46 15.24 1.08 -0.15
C GLN B 46 14.06 0.81 0.74
N LEU B 47 14.07 -0.37 1.37
CA LEU B 47 13.01 -0.80 2.27
C LEU B 47 13.51 -0.66 3.69
N SER B 48 12.69 -0.13 4.57
CA SER B 48 13.14 0.06 5.93
C SER B 48 12.09 -0.37 6.96
N ALA B 49 12.55 -1.04 8.02
CA ALA B 49 11.66 -1.73 8.95
C ALA B 49 11.14 -0.79 9.99
N GLU B 50 9.83 -0.55 9.99
CA GLU B 50 9.19 0.26 11.00
C GLU B 50 9.10 -0.58 12.26
N SER B 51 8.50 -1.77 12.09
CA SER B 51 8.33 -2.76 13.14
C SER B 51 7.94 -4.06 12.44
N VAL B 52 8.55 -5.17 12.84
CA VAL B 52 8.38 -6.47 12.19
C VAL B 52 7.20 -6.49 11.17
N GLY B 53 7.53 -6.69 9.90
CA GLY B 53 6.51 -6.86 8.86
C GLY B 53 5.88 -5.59 8.31
N GLU B 54 6.28 -4.44 8.84
CA GLU B 54 5.83 -3.15 8.34
C GLU B 54 7.02 -2.45 7.72
N VAL B 55 6.82 -1.73 6.62
CA VAL B 55 7.96 -1.18 5.89
C VAL B 55 7.61 0.06 5.10
N TYR B 56 8.65 0.86 4.83
CA TYR B 56 8.62 1.90 3.81
C TYR B 56 9.43 1.45 2.63
N ILE B 57 8.93 1.75 1.44
CA ILE B 57 9.68 1.60 0.22
C ILE B 57 10.05 3.01 -0.26
N LYS B 58 11.36 3.30 -0.28
CA LYS B 58 11.87 4.62 -0.59
C LYS B 58 12.78 4.54 -1.79
N SER B 59 12.65 5.50 -2.71
CA SER B 59 13.49 5.60 -3.91
C SER B 59 14.88 6.19 -3.63
N THR B 60 15.94 5.46 -3.95
CA THR B 60 17.32 5.95 -3.68
C THR B 60 17.70 7.20 -4.50
N GLU B 61 17.26 7.25 -5.75
CA GLU B 61 17.48 8.39 -6.62
C GLU B 61 16.67 9.55 -6.10
N THR B 62 15.37 9.52 -6.36
CA THR B 62 14.49 10.67 -6.13
C THR B 62 14.11 10.93 -4.68
N GLY B 63 14.42 10.02 -3.77
CA GLY B 63 14.08 10.26 -2.36
C GLY B 63 12.62 10.07 -1.98
N GLN B 64 11.74 9.84 -2.95
CA GLN B 64 10.30 9.66 -2.76
C GLN B 64 9.89 8.31 -2.14
N TYR B 65 8.75 8.30 -1.45
CA TYR B 65 8.26 7.08 -0.82
C TYR B 65 7.14 6.47 -1.61
N LEU B 66 7.06 5.15 -1.58
CA LEU B 66 5.89 4.48 -2.11
C LEU B 66 4.65 4.73 -1.20
N ALA B 67 3.55 5.09 -1.84
CA ALA B 67 2.36 5.38 -1.10
C ALA B 67 1.16 4.92 -1.90
N MET B 68 0.02 4.74 -1.24
CA MET B 68 -1.19 4.39 -1.93
C MET B 68 -2.29 5.31 -1.46
N ASP B 69 -2.98 5.93 -2.41
CA ASP B 69 -3.92 6.98 -2.02
C ASP B 69 -5.23 6.37 -1.52
N THR B 70 -6.24 7.21 -1.37
CA THR B 70 -7.49 6.73 -0.79
C THR B 70 -8.45 5.99 -1.76
N ASP B 71 -8.20 6.09 -3.08
CA ASP B 71 -8.87 5.26 -4.08
C ASP B 71 -8.11 3.96 -4.30
N GLY B 72 -7.06 3.67 -3.53
CA GLY B 72 -6.20 2.49 -3.83
C GLY B 72 -5.27 2.67 -5.04
N LEU B 73 -4.98 3.93 -5.37
CA LEU B 73 -4.04 4.28 -6.43
C LEU B 73 -2.62 4.46 -5.91
N LEU B 74 -1.65 3.91 -6.64
CA LEU B 74 -0.25 4.01 -6.24
C LEU B 74 0.31 5.33 -6.71
N TYR B 75 0.92 6.09 -5.80
CA TYR B 75 1.67 7.27 -6.17
C TYR B 75 2.99 7.32 -5.43
N GLY B 76 3.88 8.23 -5.82
CA GLY B 76 5.15 8.43 -5.13
C GLY B 76 5.16 9.66 -4.24
N SER B 77 4.98 9.47 -2.95
CA SER B 77 4.92 10.58 -1.97
C SER B 77 6.27 11.21 -1.71
N GLN B 78 6.31 12.55 -1.69
CA GLN B 78 7.56 13.26 -1.33
C GLN B 78 7.90 13.22 0.17
N THR B 79 6.88 13.10 1.01
CA THR B 79 7.14 13.01 2.43
C THR B 79 6.55 11.67 2.88
N PRO B 80 7.14 11.05 3.92
CA PRO B 80 6.55 9.83 4.43
C PRO B 80 5.38 10.09 5.39
N ASN B 81 4.29 9.38 5.18
CA ASN B 81 3.13 9.51 6.06
C ASN B 81 2.41 8.18 6.10
N GLU B 82 1.22 8.18 6.70
CA GLU B 82 0.46 6.96 6.97
C GLU B 82 0.10 6.19 5.68
N GLU B 83 0.22 6.86 4.54
CA GLU B 83 -0.13 6.27 3.27
C GLU B 83 1.06 5.57 2.62
N CYS B 84 2.17 5.51 3.35
CA CYS B 84 3.40 4.89 2.86
C CYS B 84 3.78 3.65 3.65
N LEU B 85 3.01 3.29 4.68
CA LEU B 85 3.30 2.06 5.39
C LEU B 85 2.64 0.92 4.69
N PHE B 86 3.43 -0.10 4.38
CA PHE B 86 2.94 -1.30 3.78
C PHE B 86 3.23 -2.42 4.72
N LEU B 87 2.34 -3.41 4.81
CA LEU B 87 2.66 -4.66 5.46
C LEU B 87 3.37 -5.57 4.46
N GLU B 88 4.52 -6.09 4.84
CA GLU B 88 5.30 -7.01 4.00
C GLU B 88 4.98 -8.44 4.43
N ARG B 89 4.62 -9.30 3.50
CA ARG B 89 4.15 -10.61 3.89
C ARG B 89 4.67 -11.63 2.92
N LEU B 90 5.29 -12.68 3.43
CA LEU B 90 5.66 -13.81 2.61
C LEU B 90 4.43 -14.54 2.06
N GLU B 91 4.53 -15.01 0.83
CA GLU B 91 3.57 -15.95 0.26
C GLU B 91 4.31 -17.25 0.06
N GLU B 92 3.65 -18.28 -0.48
CA GLU B 92 4.43 -19.46 -0.86
C GLU B 92 4.98 -19.19 -2.26
N ASN B 93 6.31 -19.04 -2.41
CA ASN B 93 7.24 -18.79 -1.29
C ASN B 93 7.94 -17.46 -1.51
N HIS B 94 9.29 -17.48 -1.47
CA HIS B 94 10.22 -16.31 -1.57
C HIS B 94 9.58 -14.94 -1.83
N TYR B 95 8.57 -14.95 -2.70
CA TYR B 95 7.77 -13.76 -3.05
C TYR B 95 7.09 -13.11 -1.84
N ASN B 96 7.39 -11.84 -1.63
CA ASN B 96 6.69 -11.01 -0.68
C ASN B 96 5.51 -10.32 -1.34
N THR B 97 4.45 -10.02 -0.58
CA THR B 97 3.38 -9.14 -1.05
C THR B 97 3.41 -7.86 -0.20
N TYR B 98 2.85 -6.78 -0.72
CA TYR B 98 2.85 -5.54 0.03
C TYR B 98 1.47 -4.99 0.12
N ILE B 99 0.84 -5.17 1.26
CA ILE B 99 -0.50 -4.66 1.51
C ILE B 99 -0.39 -3.27 2.13
N SER B 100 -1.19 -2.33 1.61
CA SER B 100 -1.33 -1.02 2.24
C SER B 100 -1.80 -1.11 3.71
N LYS B 101 -0.99 -0.63 4.65
CA LYS B 101 -1.38 -0.68 6.07
C LYS B 101 -2.66 0.07 6.37
N LYS B 102 -2.85 1.25 5.78
CA LYS B 102 -4.07 2.00 6.02
C LYS B 102 -5.29 1.25 5.54
N HIS B 103 -5.18 0.48 4.48
CA HIS B 103 -6.32 -0.21 3.91
C HIS B 103 -6.17 -1.72 3.94
N ALA B 104 -5.51 -2.23 4.96
CA ALA B 104 -5.14 -3.64 4.97
C ALA B 104 -6.39 -4.52 5.00
N GLU B 105 -7.41 -4.04 5.70
CA GLU B 105 -8.64 -4.76 5.81
C GLU B 105 -9.31 -4.95 4.44
N LYS B 106 -9.15 -4.00 3.53
CA LYS B 106 -9.75 -4.13 2.19
C LYS B 106 -8.87 -4.95 1.26
N ASN B 107 -7.75 -5.43 1.78
CA ASN B 107 -6.80 -6.26 1.04
C ASN B 107 -6.30 -5.57 -0.21
N TRP B 108 -5.81 -4.35 -0.06
CA TRP B 108 -5.26 -3.67 -1.19
C TRP B 108 -3.76 -3.90 -1.34
N PHE B 109 -3.40 -4.56 -2.44
CA PHE B 109 -2.02 -4.87 -2.73
C PHE B 109 -1.36 -3.87 -3.70
N VAL B 110 -0.06 -3.67 -3.51
CA VAL B 110 0.78 -3.05 -4.50
C VAL B 110 0.82 -3.99 -5.72
N GLY B 111 0.39 -3.51 -6.88
CA GLY B 111 0.41 -4.38 -8.05
C GLY B 111 0.77 -3.72 -9.36
N LEU B 112 1.30 -4.51 -10.28
CA LEU B 112 1.59 -4.07 -11.64
C LEU B 112 0.94 -5.05 -12.57
N LYS B 113 0.29 -4.47 -13.59
CA LYS B 113 -0.25 -5.17 -14.76
C LYS B 113 0.87 -5.66 -15.68
N LYS B 114 0.54 -6.53 -16.65
CA LYS B 114 1.56 -7.14 -17.53
C LYS B 114 2.30 -6.14 -18.43
N ASN B 115 1.69 -4.98 -18.62
CA ASN B 115 2.28 -3.89 -19.39
C ASN B 115 3.01 -2.90 -18.48
N GLY B 116 3.19 -3.29 -17.22
CA GLY B 116 4.01 -2.54 -16.29
C GLY B 116 3.46 -1.23 -15.78
N SER B 117 2.14 -1.06 -15.89
CA SER B 117 1.49 0.10 -15.34
C SER B 117 0.85 -0.34 -14.05
N CYS B 118 0.75 0.57 -13.09
CA CYS B 118 0.13 0.27 -11.81
C CYS B 118 -1.23 -0.41 -11.94
N LYS B 119 -1.55 -1.22 -10.94
CA LYS B 119 -2.84 -1.85 -10.77
C LYS B 119 -3.48 -1.27 -9.50
N ARG B 120 -4.77 -0.94 -9.55
CA ARG B 120 -5.46 -0.30 -8.44
C ARG B 120 -5.69 -1.24 -7.27
N GLY B 121 -5.68 -0.69 -6.06
CA GLY B 121 -5.95 -1.46 -4.85
C GLY B 121 -7.14 -2.41 -4.89
N PRO B 122 -8.34 -1.88 -5.19
CA PRO B 122 -9.56 -2.68 -5.23
C PRO B 122 -9.64 -3.67 -6.40
N ARG B 123 -8.63 -3.74 -7.24
CA ARG B 123 -8.61 -4.75 -8.29
C ARG B 123 -7.48 -5.78 -8.08
N THR B 124 -6.91 -5.79 -6.85
CA THR B 124 -5.88 -6.76 -6.46
C THR B 124 -6.39 -7.72 -5.41
N HIS B 125 -5.83 -8.93 -5.40
CA HIS B 125 -6.18 -9.96 -4.42
C HIS B 125 -5.18 -11.10 -4.52
N TYR B 126 -5.08 -11.91 -3.45
CA TYR B 126 -4.17 -13.06 -3.39
C TYR B 126 -4.21 -13.94 -4.64
N GLY B 127 -3.03 -14.38 -5.07
CA GLY B 127 -2.92 -15.27 -6.20
C GLY B 127 -3.16 -14.61 -7.56
N GLN B 128 -2.87 -13.32 -7.65
CA GLN B 128 -2.62 -12.68 -8.92
C GLN B 128 -1.13 -12.61 -9.01
N LYS B 129 -0.63 -12.79 -10.21
CA LYS B 129 0.79 -12.62 -10.51
C LYS B 129 1.13 -11.18 -10.15
N ALA B 130 0.18 -10.28 -10.39
CA ALA B 130 0.40 -8.85 -10.24
C ALA B 130 0.99 -8.49 -8.90
N ILE B 131 0.57 -9.17 -7.86
CA ILE B 131 0.87 -8.73 -6.51
C ILE B 131 2.16 -9.30 -5.92
N LEU B 132 2.84 -10.15 -6.68
CA LEU B 132 4.04 -10.87 -6.16
C LEU B 132 5.38 -10.21 -6.50
N PHE B 133 6.19 -9.96 -5.48
CA PHE B 133 7.48 -9.30 -5.70
C PHE B 133 8.68 -10.05 -5.11
N LEU B 134 9.78 -10.04 -5.83
CA LEU B 134 11.03 -10.60 -5.35
C LEU B 134 11.98 -9.48 -5.04
N PRO B 135 12.29 -9.26 -3.75
CA PRO B 135 13.32 -8.30 -3.37
C PRO B 135 14.75 -8.82 -3.68
N LEU B 136 15.47 -8.08 -4.51
CA LEU B 136 16.74 -8.54 -5.05
C LEU B 136 17.81 -7.63 -4.53
N PRO B 137 18.51 -8.07 -3.47
CA PRO B 137 19.53 -7.21 -2.90
C PRO B 137 20.56 -6.79 -3.95
N VAL B 138 20.76 -5.46 -4.11
CA VAL B 138 21.83 -4.92 -5.00
C VAL B 138 22.95 -4.27 -4.21
N PRO C 12 9.88 -23.85 4.04
CA PRO C 12 10.90 -23.49 5.05
C PRO C 12 10.67 -22.08 5.61
N LYS C 13 9.87 -22.00 6.67
CA LYS C 13 9.40 -20.74 7.22
C LYS C 13 9.59 -20.63 8.75
N LEU C 14 9.47 -19.42 9.28
CA LEU C 14 9.41 -19.25 10.70
C LEU C 14 8.04 -18.70 11.07
N LEU C 15 7.49 -19.07 12.22
CA LEU C 15 6.30 -18.40 12.72
C LEU C 15 6.65 -17.54 13.92
N TYR C 16 6.68 -16.24 13.69
CA TYR C 16 6.96 -15.26 14.73
C TYR C 16 5.67 -14.91 15.48
N CYS C 17 5.72 -14.97 16.80
CA CYS C 17 4.55 -14.66 17.58
C CYS C 17 4.55 -13.21 18.01
N SER C 18 3.44 -12.54 17.72
CA SER C 18 3.26 -11.12 17.97
C SER C 18 3.56 -10.88 19.42
N ASN C 19 2.70 -11.42 20.29
CA ASN C 19 2.87 -11.43 21.75
C ASN C 19 4.30 -11.19 22.26
N GLY C 20 5.14 -12.22 22.28
CA GLY C 20 6.46 -12.04 22.89
C GLY C 20 7.62 -11.89 21.93
N GLY C 21 7.29 -11.88 20.64
CA GLY C 21 8.30 -11.97 19.60
C GLY C 21 9.09 -13.28 19.50
N HIS C 22 8.62 -14.38 20.08
CA HIS C 22 9.38 -15.63 19.89
C HIS C 22 8.95 -16.29 18.60
N PHE C 23 9.85 -17.10 18.05
CA PHE C 23 9.49 -17.99 16.96
C PHE C 23 8.97 -19.30 17.55
N LEU C 24 8.05 -19.96 16.86
CA LEU C 24 7.50 -21.23 17.34
C LEU C 24 8.48 -22.38 17.12
N ARG C 25 9.11 -22.83 18.19
CA ARG C 25 10.10 -23.92 18.12
C ARG C 25 9.48 -25.28 18.39
N ILE C 26 9.79 -26.28 17.56
CA ILE C 26 9.47 -27.65 17.94
C ILE C 26 10.71 -28.48 18.27
N LEU C 27 11.11 -28.47 19.54
CA LEU C 27 12.24 -29.31 19.99
C LEU C 27 12.10 -30.79 19.58
N PRO C 28 13.24 -31.50 19.41
CA PRO C 28 13.21 -32.93 19.02
C PRO C 28 12.61 -33.90 20.07
N ASP C 29 12.59 -33.48 21.34
CA ASP C 29 12.00 -34.28 22.38
C ASP C 29 10.49 -34.12 22.28
N GLY C 30 10.06 -33.07 21.58
CA GLY C 30 8.65 -32.86 21.32
C GLY C 30 7.98 -31.77 22.13
N THR C 31 8.74 -31.12 23.00
CA THR C 31 8.24 -29.91 23.66
C THR C 31 8.08 -28.84 22.60
N VAL C 32 7.09 -27.99 22.78
CA VAL C 32 6.83 -26.90 21.85
C VAL C 32 6.82 -25.62 22.65
N ASP C 33 7.70 -24.73 22.26
CA ASP C 33 7.81 -23.45 22.91
C ASP C 33 8.30 -22.45 21.89
N GLY C 34 8.73 -21.31 22.37
CA GLY C 34 9.20 -20.28 21.51
C GLY C 34 10.55 -19.82 21.94
N THR C 35 11.30 -19.24 21.01
CA THR C 35 12.55 -18.60 21.35
C THR C 35 12.70 -17.35 20.51
N ARG C 36 13.32 -16.34 21.13
CA ARG C 36 13.61 -15.06 20.50
C ARG C 36 14.78 -15.15 19.52
N ASP C 37 15.42 -16.32 19.44
CA ASP C 37 16.62 -16.54 18.62
C ASP C 37 16.35 -17.01 17.19
N ARG C 38 16.65 -16.15 16.21
CA ARG C 38 16.37 -16.46 14.79
C ARG C 38 17.25 -17.57 14.22
N SER C 39 18.33 -17.91 14.91
CA SER C 39 19.29 -18.89 14.39
C SER C 39 18.93 -20.35 14.69
N ASP C 40 17.98 -20.56 15.59
CA ASP C 40 17.65 -21.90 16.07
C ASP C 40 17.24 -22.86 14.94
N GLN C 41 17.72 -24.09 15.04
CA GLN C 41 17.41 -25.06 13.98
C GLN C 41 15.94 -25.44 14.02
N HIS C 42 15.33 -25.32 15.18
CA HIS C 42 14.05 -25.97 15.35
C HIS C 42 12.87 -25.02 15.23
N ILE C 43 13.12 -23.85 14.68
CA ILE C 43 12.04 -22.91 14.44
C ILE C 43 11.68 -22.94 12.96
N GLN C 44 12.23 -23.89 12.21
CA GLN C 44 12.09 -23.89 10.77
C GLN C 44 10.99 -24.80 10.27
N LEU C 45 9.78 -24.26 10.34
CA LEU C 45 8.60 -25.02 10.06
C LEU C 45 8.37 -25.01 8.59
N GLN C 46 7.39 -25.77 8.15
CA GLN C 46 6.97 -25.69 6.79
C GLN C 46 5.54 -26.17 6.71
N LEU C 47 4.68 -25.33 6.15
CA LEU C 47 3.25 -25.61 6.10
C LEU C 47 2.85 -26.41 4.88
N SER C 48 1.82 -27.23 5.02
CA SER C 48 1.34 -28.03 3.91
C SER C 48 -0.17 -28.13 3.98
N ALA C 49 -0.84 -27.41 3.10
CA ALA C 49 -2.29 -27.47 2.99
C ALA C 49 -2.78 -28.86 2.59
N GLU C 50 -3.36 -29.56 3.56
CA GLU C 50 -4.12 -30.78 3.28
C GLU C 50 -5.39 -30.39 2.50
N SER C 51 -5.90 -29.20 2.81
CA SER C 51 -7.10 -28.63 2.18
C SER C 51 -7.14 -27.13 2.45
N VAL C 52 -7.94 -26.41 1.66
CA VAL C 52 -8.15 -24.97 1.83
C VAL C 52 -8.50 -24.69 3.28
N GLY C 53 -7.76 -23.77 3.89
CA GLY C 53 -7.94 -23.45 5.30
C GLY C 53 -7.40 -24.52 6.25
N GLU C 54 -6.93 -25.64 5.72
CA GLU C 54 -6.41 -26.73 6.56
C GLU C 54 -4.95 -27.05 6.29
N VAL C 55 -4.13 -26.93 7.33
CA VAL C 55 -2.69 -27.11 7.20
C VAL C 55 -2.06 -28.06 8.21
N TYR C 56 -0.86 -28.48 7.85
CA TYR C 56 0.05 -29.19 8.72
C TYR C 56 1.18 -28.26 9.06
N ILE C 57 1.75 -28.38 10.24
CA ILE C 57 2.89 -27.56 10.57
C ILE C 57 4.09 -28.46 10.96
N LYS C 58 4.75 -29.03 9.94
CA LYS C 58 5.94 -29.90 10.10
C LYS C 58 7.14 -29.11 10.55
N SER C 59 8.11 -29.80 11.17
CA SER C 59 9.45 -29.25 11.50
C SER C 59 10.35 -29.65 10.36
N THR C 60 11.14 -28.72 9.83
CA THR C 60 12.10 -29.13 8.80
C THR C 60 13.27 -29.95 9.36
N GLU C 61 13.86 -29.47 10.46
CA GLU C 61 14.96 -30.17 11.08
C GLU C 61 14.63 -31.64 11.44
N THR C 62 13.51 -31.89 12.13
CA THR C 62 13.21 -33.25 12.63
C THR C 62 12.07 -34.04 11.94
N GLY C 63 11.19 -33.39 11.17
CA GLY C 63 10.07 -34.12 10.53
C GLY C 63 8.83 -34.20 11.40
N GLN C 64 8.98 -33.82 12.68
CA GLN C 64 7.89 -33.78 13.64
C GLN C 64 6.73 -32.86 13.26
N TYR C 65 5.56 -33.12 13.83
CA TYR C 65 4.38 -32.33 13.55
C TYR C 65 3.92 -31.55 14.76
N LEU C 66 3.53 -30.31 14.52
CA LEU C 66 2.79 -29.57 15.52
C LEU C 66 1.39 -30.22 15.67
N ALA C 67 1.03 -30.40 16.93
CA ALA C 67 -0.16 -31.10 17.30
C ALA C 67 -0.63 -30.53 18.63
N MET C 68 -1.95 -30.57 18.84
CA MET C 68 -2.57 -30.20 20.10
C MET C 68 -3.18 -31.44 20.74
N ASP C 69 -2.75 -31.77 21.96
CA ASP C 69 -3.30 -32.92 22.65
C ASP C 69 -4.62 -32.60 23.30
N THR C 70 -5.20 -33.62 23.88
CA THR C 70 -6.53 -33.54 24.46
C THR C 70 -6.70 -32.46 25.56
N ASP C 71 -5.62 -31.97 26.13
CA ASP C 71 -5.73 -30.93 27.16
C ASP C 71 -5.52 -29.54 26.58
N GLY C 72 -5.24 -29.49 25.28
CA GLY C 72 -4.95 -28.22 24.61
C GLY C 72 -3.48 -27.80 24.66
N LEU C 73 -2.63 -28.67 25.19
CA LEU C 73 -1.17 -28.48 25.18
C LEU C 73 -0.60 -28.74 23.79
N LEU C 74 0.55 -28.12 23.52
CA LEU C 74 1.25 -28.25 22.26
C LEU C 74 2.42 -29.20 22.41
N TYR C 75 2.51 -30.17 21.50
CA TYR C 75 3.63 -31.08 21.44
C TYR C 75 3.92 -31.41 20.00
N GLY C 76 5.14 -31.88 19.78
CA GLY C 76 5.55 -32.44 18.49
C GLY C 76 5.26 -33.93 18.43
N SER C 77 4.79 -34.36 17.27
CA SER C 77 4.38 -35.74 17.04
C SER C 77 5.21 -36.31 15.89
N GLN C 78 5.73 -37.52 16.07
CA GLN C 78 6.61 -38.11 15.09
C GLN C 78 5.78 -38.66 13.91
N THR C 79 4.46 -38.60 14.03
CA THR C 79 3.61 -39.07 12.95
C THR C 79 2.35 -38.22 12.79
N PRO C 80 1.85 -38.07 11.54
CA PRO C 80 0.63 -37.30 11.37
C PRO C 80 -0.61 -38.02 11.93
N ASN C 81 -1.15 -37.51 13.02
CA ASN C 81 -2.48 -37.91 13.47
C ASN C 81 -3.44 -36.73 13.36
N GLU C 82 -4.70 -36.95 13.77
CA GLU C 82 -5.79 -36.00 13.58
C GLU C 82 -5.62 -34.79 14.53
N GLU C 83 -4.84 -34.97 15.58
CA GLU C 83 -4.48 -33.88 16.46
C GLU C 83 -3.49 -32.87 15.84
N CYS C 84 -2.96 -33.22 14.66
CA CYS C 84 -1.99 -32.39 13.96
C CYS C 84 -2.58 -31.46 12.92
N LEU C 85 -3.87 -31.53 12.66
CA LEU C 85 -4.39 -30.68 11.62
C LEU C 85 -4.83 -29.37 12.23
N PHE C 86 -4.52 -28.28 11.53
CA PHE C 86 -4.97 -26.98 11.97
C PHE C 86 -5.70 -26.20 10.89
N LEU C 87 -6.68 -25.43 11.33
CA LEU C 87 -7.39 -24.50 10.51
C LEU C 87 -6.65 -23.20 10.58
N GLU C 88 -6.14 -22.76 9.44
CA GLU C 88 -5.39 -21.50 9.34
C GLU C 88 -6.39 -20.42 8.97
N ARG C 89 -6.50 -19.40 9.81
CA ARG C 89 -7.36 -18.27 9.52
C ARG C 89 -6.50 -17.03 9.35
N LEU C 90 -6.67 -16.34 8.21
CA LEU C 90 -6.18 -14.98 8.01
C LEU C 90 -6.93 -14.00 8.93
N GLU C 91 -6.26 -12.95 9.39
CA GLU C 91 -6.84 -12.10 10.42
C GLU C 91 -6.43 -10.65 10.32
N GLU C 92 -5.95 -10.19 11.48
CA GLU C 92 -5.35 -8.86 11.72
C GLU C 92 -5.89 -7.69 10.83
N ASN C 93 -5.07 -6.75 10.27
CA ASN C 93 -3.64 -6.86 9.90
C ASN C 93 -3.38 -8.16 9.17
N HIS C 94 -2.14 -8.54 8.92
CA HIS C 94 -2.08 -9.77 8.14
C HIS C 94 -1.36 -10.90 8.80
N TYR C 95 -1.70 -11.06 10.07
CA TYR C 95 -1.19 -12.12 10.88
C TYR C 95 -2.02 -13.36 10.69
N ASN C 96 -1.49 -14.50 11.14
CA ASN C 96 -2.21 -15.75 11.05
C ASN C 96 -2.62 -16.28 12.40
N THR C 97 -3.72 -17.03 12.42
CA THR C 97 -4.11 -17.79 13.62
C THR C 97 -4.34 -19.22 13.24
N TYR C 98 -4.11 -20.09 14.24
CA TYR C 98 -4.26 -21.52 14.05
C TYR C 98 -5.19 -22.12 15.08
N ILE C 99 -6.32 -22.64 14.60
CA ILE C 99 -7.26 -23.39 15.42
C ILE C 99 -7.01 -24.85 15.13
N SER C 100 -7.01 -25.62 16.20
CA SER C 100 -6.97 -27.07 16.18
C SER C 100 -8.26 -27.60 15.59
N LYS C 101 -8.15 -28.30 14.45
CA LYS C 101 -9.30 -28.88 13.80
C LYS C 101 -10.08 -29.74 14.80
N LYS C 102 -9.35 -30.57 15.55
CA LYS C 102 -9.98 -31.53 16.45
C LYS C 102 -10.83 -30.86 17.54
N HIS C 103 -10.49 -29.62 17.89
CA HIS C 103 -11.25 -28.89 18.91
C HIS C 103 -11.79 -27.55 18.40
N ALA C 104 -12.12 -27.51 17.13
CA ALA C 104 -12.54 -26.29 16.46
C ALA C 104 -13.72 -25.62 17.15
N GLU C 105 -14.72 -26.40 17.52
CA GLU C 105 -15.92 -25.90 18.20
C GLU C 105 -15.60 -25.04 19.42
N LYS C 106 -14.46 -25.31 20.06
CA LYS C 106 -14.08 -24.61 21.29
C LYS C 106 -13.13 -23.44 21.06
N ASN C 107 -12.69 -23.22 19.81
CA ASN C 107 -11.81 -22.08 19.52
C ASN C 107 -10.45 -22.22 20.21
N TRP C 108 -9.80 -23.38 20.09
CA TRP C 108 -8.51 -23.57 20.74
C TRP C 108 -7.36 -23.25 19.78
N PHE C 109 -6.77 -22.04 19.94
CA PHE C 109 -5.68 -21.58 19.06
C PHE C 109 -4.32 -22.02 19.56
N VAL C 110 -3.43 -22.25 18.61
CA VAL C 110 -2.01 -22.32 18.84
C VAL C 110 -1.59 -20.98 19.45
N GLY C 111 -0.93 -21.00 20.60
CA GLY C 111 -0.55 -19.75 21.22
C GLY C 111 0.77 -19.85 21.95
N LEU C 112 1.53 -18.75 21.96
CA LEU C 112 2.70 -18.60 22.81
C LEU C 112 2.47 -17.55 23.90
N LYS C 113 2.96 -17.84 25.11
CA LYS C 113 2.91 -16.90 26.22
C LYS C 113 3.96 -15.82 26.03
N LYS C 114 3.76 -14.69 26.72
CA LYS C 114 4.72 -13.59 26.76
C LYS C 114 6.13 -14.07 27.13
N ASN C 115 6.21 -15.08 28.01
CA ASN C 115 7.50 -15.54 28.53
C ASN C 115 8.22 -16.59 27.69
N GLY C 116 7.62 -16.98 26.56
CA GLY C 116 8.23 -17.97 25.68
C GLY C 116 7.47 -19.28 25.58
N SER C 117 6.78 -19.66 26.65
CA SER C 117 6.22 -21.01 26.75
C SER C 117 4.86 -21.17 26.12
N CYS C 118 4.43 -22.41 26.00
CA CYS C 118 3.18 -22.74 25.35
C CYS C 118 2.01 -22.21 26.17
N LYS C 119 0.97 -21.76 25.49
CA LYS C 119 -0.23 -21.28 26.15
C LYS C 119 -1.33 -22.27 25.86
N ARG C 120 -1.77 -22.99 26.89
CA ARG C 120 -2.80 -24.04 26.79
C ARG C 120 -4.06 -23.58 26.04
N GLY C 121 -4.49 -24.41 25.08
CA GLY C 121 -5.64 -24.14 24.20
C GLY C 121 -6.87 -23.54 24.84
N PRO C 122 -7.30 -24.08 25.98
CA PRO C 122 -8.36 -23.45 26.79
C PRO C 122 -8.11 -21.98 27.21
N ARG C 123 -6.86 -21.58 27.40
CA ARG C 123 -6.58 -20.22 27.90
C ARG C 123 -6.56 -19.16 26.79
N THR C 124 -6.75 -19.61 25.54
CA THR C 124 -6.65 -18.75 24.36
C THR C 124 -8.03 -18.49 23.77
N HIS C 125 -8.18 -17.32 23.15
CA HIS C 125 -9.40 -16.94 22.41
C HIS C 125 -9.09 -15.72 21.53
N TYR C 126 -10.08 -15.25 20.75
CA TYR C 126 -9.88 -14.08 19.87
C TYR C 126 -9.43 -12.83 20.64
N GLY C 127 -8.77 -11.91 19.92
CA GLY C 127 -8.24 -10.68 20.50
C GLY C 127 -7.05 -10.84 21.45
N GLN C 128 -6.09 -11.70 21.10
CA GLN C 128 -4.88 -11.89 21.89
C GLN C 128 -3.66 -11.88 20.99
N LYS C 129 -2.58 -11.28 21.47
CA LYS C 129 -1.30 -11.26 20.76
C LYS C 129 -0.66 -12.66 20.73
N ALA C 130 -1.02 -13.48 21.71
CA ALA C 130 -0.52 -14.85 21.87
C ALA C 130 -0.86 -15.74 20.71
N ILE C 131 -1.96 -15.45 20.02
CA ILE C 131 -2.48 -16.34 18.98
C ILE C 131 -2.09 -15.82 17.59
N LEU C 132 -1.33 -14.73 17.57
CA LEU C 132 -1.01 -14.04 16.33
C LEU C 132 0.40 -14.33 15.77
N PHE C 133 0.43 -14.95 14.60
CA PHE C 133 1.69 -15.36 14.03
C PHE C 133 2.01 -14.73 12.71
N LEU C 134 3.25 -14.25 12.61
CA LEU C 134 3.76 -13.76 11.35
C LEU C 134 4.68 -14.81 10.78
N PRO C 135 4.41 -15.26 9.55
CA PRO C 135 5.34 -16.08 8.75
C PRO C 135 6.84 -15.61 8.69
N LEU C 136 7.35 -14.94 7.66
CA LEU C 136 8.81 -14.66 7.61
C LEU C 136 9.68 -15.90 7.28
N PRO C 137 10.81 -15.69 6.55
CA PRO C 137 11.76 -16.76 6.20
C PRO C 137 13.14 -16.62 6.91
N VAL C 138 14.16 -17.33 6.41
CA VAL C 138 15.60 -17.04 6.67
C VAL C 138 15.91 -15.79 7.55
S IDY D . -3.19 -11.38 -12.64
C1 IDY D . -2.55 -13.73 -14.74
O1 IDY D . -1.48 -14.66 -14.78
C2 IDY D . -2.02 -12.29 -14.79
O2 IDY D . -2.94 -11.38 -14.16
C3 IDY D . -1.63 -11.85 -16.21
O3 IDY D . -0.27 -12.29 -16.36
C4 IDY D . -2.46 -12.46 -17.36
O4 IDY D . -3.23 -11.36 -17.52
C5 IDY D . -2.95 -13.89 -17.12
O5 IDY D . -3.46 -14.08 -15.80
C6 IDY D . -4.13 -14.20 -18.00
C7 IDY D . -0.92 -14.86 -15.76
O6A IDY D . -3.90 -14.91 -19.03
O6B IDY D . -5.31 -13.80 -17.67
OS1 IDY D . -4.52 -10.76 -12.36
OS2 IDY D . -2.14 -10.55 -12.05
OS3 IDY D . -3.11 -12.76 -12.06
C1 GNS D . -3.64 -10.12 -18.05
C2 GNS D . -4.35 -9.30 -16.98
N2 GNS D . -3.47 -9.12 -15.84
S1 GNS D . -3.32 -7.66 -15.18
O1S GNS D . -2.36 -6.93 -16.01
O2S GNS D . -4.63 -7.04 -15.21
O3S GNS D . -2.82 -7.86 -13.83
C3 GNS D . -5.63 -9.99 -16.53
O3 GNS D . -6.39 -9.11 -15.73
C4 GNS D . -6.46 -10.42 -17.74
C5 GNS D . -5.61 -11.15 -18.76
O5 GNS D . -4.52 -10.34 -19.14
C6 GNS D . -6.42 -11.51 -20.00
O6 GNS D . -6.12 -10.60 -21.04
O4 GNS D . -7.51 -11.26 -17.31
P PO4 E . -12.39 11.37 -0.07
O1 PO4 E . -11.94 12.62 0.63
O2 PO4 E . -13.89 11.33 -0.17
O3 PO4 E . -11.76 11.32 -1.45
O4 PO4 E . -11.96 10.17 0.73
P PO4 F . -7.32 14.14 -0.18
O1 PO4 F . -7.71 15.38 -0.94
O2 PO4 F . -8.54 13.34 0.20
O3 PO4 F . -6.44 13.33 -1.09
O4 PO4 F . -6.56 14.53 1.07
P PO4 G . -7.04 11.43 -3.68
O1 PO4 G . -7.62 12.80 -3.50
O2 PO4 G . -8.12 10.50 -4.16
O3 PO4 G . -5.90 11.44 -4.68
O4 PO4 G . -6.54 10.91 -2.35
P PO4 H . 14.14 10.57 3.87
O1 PO4 H . 15.42 11.39 3.88
O2 PO4 H . 13.23 11.04 4.99
O3 PO4 H . 13.43 10.73 2.55
O4 PO4 H . 14.50 9.12 4.10
P PO4 I . 0.42 -14.30 28.48
O1 PO4 I . -0.09 -12.96 28.00
O2 PO4 I . 1.91 -14.43 28.30
O3 PO4 I . 0.11 -14.49 29.95
O4 PO4 I . -0.26 -15.41 27.71
P PO4 J . -2.27 -12.02 25.26
O1 PO4 J . -3.73 -11.79 25.56
O2 PO4 J . -1.86 -13.35 25.82
O3 PO4 J . -2.07 -11.99 23.77
O4 PO4 J . -1.42 -10.92 25.85
#